data_7UUN
#
_entry.id   7UUN
#
_cell.length_a   133.564
_cell.length_b   133.564
_cell.length_c   133.564
_cell.angle_alpha   90.000
_cell.angle_beta   90.000
_cell.angle_gamma   90.000
#
_symmetry.space_group_name_H-M   'P 43 3 2'
#
loop_
_entity.id
_entity.type
_entity.pdbx_description
1 polymer 'Aminocyclitol acetyltransferase ApmA'
2 non-polymer NEOMYCIN
3 non-polymer 1,2-ETHANEDIOL
4 water water
#
_entity_poly.entity_id   1
_entity_poly.type   'polypeptide(L)'
_entity_poly.pdbx_seq_one_letter_code
;QGMKTRLEQVLERYLNGREVAVWGVPTRRLLRALKPFKFHTADRVDPQYHYVVAVTDDDLTDFLSDEQSKSFQYANDYLT
FDDEGGELPFERMCFNVPVGRQTYFGDGVVGACENGYIKSIGQFTSINGTAEIHANHQLNMTFVSDDIQNFFNEESMAVF
QEKLRKDPKHPYAYSKEPMTIGSDVYIGAHAFINASTVTSIGDGAIIGSGAVVLENVPPFAVVVGVPARIKRYRFSKEMI
ETLLRVKWWDWSIEEINENVDALISPELFMKKYGSL
;
_entity_poly.pdbx_strand_id   A
#
# COMPACT_ATOMS: atom_id res chain seq x y z
N GLY A 2 14.60 1.85 -13.89
CA GLY A 2 14.45 1.68 -12.44
C GLY A 2 13.60 2.79 -11.82
N MET A 3 13.34 2.65 -10.53
CA MET A 3 12.66 3.68 -9.75
C MET A 3 12.97 3.43 -8.28
N LYS A 4 12.72 4.45 -7.46
CA LYS A 4 13.14 4.45 -6.07
C LYS A 4 12.26 3.55 -5.21
N THR A 5 12.92 2.79 -4.32
CA THR A 5 12.22 1.97 -3.34
C THR A 5 11.79 2.83 -2.16
N ARG A 6 11.07 2.22 -1.22
CA ARG A 6 10.63 2.95 -0.03
C ARG A 6 11.80 3.47 0.77
N LEU A 7 12.81 2.62 0.99
CA LEU A 7 13.99 3.06 1.75
C LEU A 7 14.70 4.21 1.06
N GLU A 8 14.92 4.09 -0.26
CA GLU A 8 15.61 5.15 -1.00
C GLU A 8 14.88 6.47 -0.86
N GLN A 9 13.55 6.46 -0.92
CA GLN A 9 12.78 7.70 -0.76
C GLN A 9 12.99 8.31 0.62
N VAL A 10 12.98 7.47 1.66
CA VAL A 10 13.22 7.97 3.01
C VAL A 10 14.62 8.55 3.13
N LEU A 11 15.63 7.76 2.71
CA LEU A 11 17.02 8.23 2.80
C LEU A 11 17.21 9.55 2.08
N GLU A 12 16.59 9.73 0.92
CA GLU A 12 16.64 11.02 0.23
C GLU A 12 16.18 12.14 1.16
N ARG A 13 15.06 11.92 1.86
CA ARG A 13 14.50 12.94 2.72
C ARG A 13 15.39 13.20 3.93
N TYR A 14 15.77 12.15 4.66
CA TYR A 14 16.24 12.31 6.02
C TYR A 14 17.69 11.89 6.29
N LEU A 15 18.39 11.29 5.33
CA LEU A 15 19.75 10.82 5.63
C LEU A 15 20.66 11.99 6.02
N ASN A 16 20.61 13.07 5.25
CA ASN A 16 21.28 14.33 5.57
C ASN A 16 22.78 14.13 5.82
N GLY A 17 23.43 13.41 4.91
CA GLY A 17 24.86 13.22 4.92
C GLY A 17 25.40 12.28 5.98
N ARG A 18 24.52 11.58 6.71
CA ARG A 18 24.95 10.64 7.73
C ARG A 18 25.36 9.31 7.09
N GLU A 19 26.02 8.48 7.90
CA GLU A 19 26.39 7.13 7.50
C GLU A 19 25.27 6.17 7.84
N VAL A 20 25.14 5.13 7.02
CA VAL A 20 24.08 4.14 7.21
C VAL A 20 24.63 2.99 8.04
N ALA A 21 24.04 2.77 9.21
CA ALA A 21 24.43 1.69 10.11
C ALA A 21 23.48 0.52 9.87
N VAL A 22 23.99 -0.54 9.26
CA VAL A 22 23.16 -1.68 8.88
C VAL A 22 22.99 -2.59 10.07
N TRP A 23 21.74 -2.79 10.47
CA TRP A 23 21.37 -3.61 11.61
C TRP A 23 20.76 -4.90 11.05
N GLY A 24 21.60 -5.91 10.87
CA GLY A 24 21.21 -7.19 10.33
C GLY A 24 22.17 -7.66 9.25
N VAL A 25 21.90 -8.86 8.76
CA VAL A 25 22.63 -9.43 7.64
C VAL A 25 22.14 -8.76 6.36
N PRO A 26 22.98 -8.06 5.62
CA PRO A 26 22.52 -7.41 4.40
C PRO A 26 22.09 -8.43 3.36
N THR A 27 21.26 -7.96 2.44
CA THR A 27 20.93 -8.68 1.22
C THR A 27 21.60 -7.98 0.06
N ARG A 28 21.78 -8.69 -1.06
CA ARG A 28 22.41 -8.07 -2.21
C ARG A 28 21.59 -6.87 -2.70
N ARG A 29 20.27 -6.98 -2.65
CA ARG A 29 19.42 -5.86 -3.05
C ARG A 29 19.66 -4.65 -2.17
N LEU A 30 19.74 -4.85 -0.84
CA LEU A 30 20.03 -3.73 0.06
C LEU A 30 21.41 -3.16 -0.23
N LEU A 31 22.40 -4.01 -0.49
CA LEU A 31 23.76 -3.53 -0.74
C LEU A 31 23.84 -2.73 -2.02
N ARG A 32 23.01 -3.03 -3.02
CA ARG A 32 22.91 -2.17 -4.19
C ARG A 32 22.38 -0.80 -3.79
N ALA A 33 21.33 -0.76 -2.98
CA ALA A 33 20.77 0.50 -2.52
C ALA A 33 21.82 1.35 -1.82
N LEU A 34 22.54 0.76 -0.87
CA LEU A 34 23.47 1.50 -0.03
C LEU A 34 24.82 1.76 -0.69
N LYS A 35 25.04 1.28 -1.91
CA LYS A 35 26.32 1.48 -2.59
C LYS A 35 26.80 2.93 -2.62
N PRO A 36 25.96 3.95 -2.90
CA PRO A 36 26.49 5.33 -2.96
C PRO A 36 26.92 5.90 -1.61
N PHE A 37 26.41 5.37 -0.51
CA PHE A 37 26.70 5.92 0.80
C PHE A 37 27.82 5.16 1.50
N LYS A 38 28.45 5.84 2.45
CA LYS A 38 29.24 5.14 3.47
C LYS A 38 28.28 4.35 4.35
N PHE A 39 28.62 3.07 4.58
CA PHE A 39 27.78 2.23 5.43
C PHE A 39 28.65 1.13 6.03
N HIS A 40 28.15 0.53 7.10
CA HIS A 40 28.95 -0.36 7.92
C HIS A 40 28.03 -1.22 8.78
N THR A 41 28.56 -2.35 9.23
CA THR A 41 27.83 -3.19 10.18
C THR A 41 27.66 -2.44 11.49
N ALA A 42 26.40 -2.21 11.87
CA ALA A 42 26.10 -1.36 13.02
C ALA A 42 26.72 -1.92 14.29
N ASP A 43 27.47 -1.06 15.00
CA ASP A 43 28.05 -1.41 16.28
C ASP A 43 27.50 -0.42 17.30
N ARG A 44 28.27 0.60 17.67
CA ARG A 44 27.77 1.69 18.49
C ARG A 44 27.25 2.78 17.57
N VAL A 45 26.00 3.21 17.81
CA VAL A 45 25.29 4.09 16.88
C VAL A 45 24.81 5.33 17.62
N ASP A 46 24.84 6.46 16.91
CA ASP A 46 24.49 7.79 17.39
C ASP A 46 23.69 8.46 16.29
N PRO A 47 22.43 8.84 16.54
CA PRO A 47 21.61 9.41 15.46
C PRO A 47 22.17 10.70 14.88
N GLN A 48 23.03 11.41 15.62
CA GLN A 48 23.70 12.59 15.08
C GLN A 48 24.61 12.24 13.91
N TYR A 49 25.09 11.00 13.83
CA TYR A 49 26.04 10.58 12.81
C TYR A 49 25.56 9.41 11.97
N HIS A 50 24.61 8.61 12.46
CA HIS A 50 24.21 7.38 11.79
C HIS A 50 22.72 7.36 11.53
N TYR A 51 22.34 6.73 10.42
CA TYR A 51 20.98 6.32 10.15
C TYR A 51 20.98 4.80 10.14
N VAL A 52 20.07 4.19 10.92
CA VAL A 52 20.08 2.75 11.14
C VAL A 52 19.05 2.12 10.21
N VAL A 53 19.48 1.15 9.40
CA VAL A 53 18.60 0.43 8.50
C VAL A 53 18.53 -1.01 8.97
N ALA A 54 17.43 -1.36 9.63
CA ALA A 54 17.15 -2.76 9.90
C ALA A 54 16.80 -3.47 8.60
N VAL A 55 17.45 -4.59 8.33
CA VAL A 55 17.22 -5.28 7.06
C VAL A 55 15.82 -5.89 7.03
N THR A 56 15.52 -6.73 8.02
CA THR A 56 14.24 -7.41 8.10
C THR A 56 13.46 -6.88 9.30
N ASP A 57 12.18 -7.25 9.37
CA ASP A 57 11.38 -6.84 10.52
C ASP A 57 11.86 -7.54 11.79
N ASP A 58 12.37 -8.76 11.68
CA ASP A 58 12.98 -9.41 12.84
C ASP A 58 14.24 -8.68 13.25
N ASP A 59 14.98 -8.14 12.29
CA ASP A 59 16.14 -7.32 12.62
C ASP A 59 15.72 -6.03 13.32
N LEU A 60 14.55 -5.49 12.95
CA LEU A 60 14.09 -4.26 13.57
C LEU A 60 13.79 -4.48 15.05
N THR A 61 13.05 -5.56 15.37
CA THR A 61 12.71 -5.84 16.76
C THR A 61 13.96 -5.95 17.63
N ASP A 62 15.03 -6.54 17.09
CA ASP A 62 16.28 -6.60 17.85
C ASP A 62 16.81 -5.20 18.14
N PHE A 63 16.78 -4.33 17.12
CA PHE A 63 17.27 -2.96 17.29
C PHE A 63 16.45 -2.21 18.33
N LEU A 64 15.12 -2.25 18.19
CA LEU A 64 14.26 -1.53 19.12
C LEU A 64 14.34 -2.08 20.54
N SER A 65 14.77 -3.33 20.71
CA SER A 65 15.05 -3.87 22.04
C SER A 65 16.40 -3.43 22.57
N ASP A 66 17.28 -2.95 21.70
CA ASP A 66 18.58 -2.46 22.12
C ASP A 66 18.44 -1.05 22.70
N GLU A 67 19.10 -0.82 23.84
CA GLU A 67 19.06 0.48 24.49
C GLU A 67 19.60 1.59 23.59
N GLN A 68 20.43 1.25 22.59
CA GLN A 68 20.97 2.24 21.68
C GLN A 68 19.90 2.92 20.84
N SER A 69 18.74 2.30 20.69
CA SER A 69 17.70 2.82 19.81
C SER A 69 16.76 3.79 20.50
N LYS A 70 16.90 4.01 21.83
CA LYS A 70 16.05 4.97 22.51
C LYS A 70 16.16 6.37 21.89
N SER A 71 17.30 6.68 21.27
CA SER A 71 17.52 8.00 20.70
C SER A 71 17.07 8.11 19.25
N PHE A 72 16.77 7.00 18.58
CA PHE A 72 16.44 7.05 17.17
C PHE A 72 14.94 7.20 16.97
N GLN A 73 14.57 8.07 16.04
CA GLN A 73 13.18 8.33 15.71
C GLN A 73 12.82 7.63 14.40
N TYR A 74 11.63 7.04 14.36
CA TYR A 74 11.20 6.30 13.19
C TYR A 74 11.16 7.19 11.96
N ALA A 75 11.61 6.64 10.83
CA ALA A 75 11.74 7.32 9.54
C ALA A 75 12.88 8.34 9.54
N ASN A 76 12.87 9.28 10.50
CA ASN A 76 13.91 10.30 10.54
C ASN A 76 15.29 9.69 10.74
N ASP A 77 15.38 8.66 11.58
CA ASP A 77 16.67 8.07 11.93
C ASP A 77 16.78 6.58 11.68
N TYR A 78 15.67 5.88 11.42
CA TYR A 78 15.76 4.45 11.14
C TYR A 78 14.59 4.03 10.28
N LEU A 79 14.67 2.79 9.79
CA LEU A 79 13.68 2.20 8.90
C LEU A 79 14.02 0.74 8.63
N THR A 80 13.01 -0.08 8.37
CA THR A 80 13.24 -1.43 7.90
C THR A 80 13.44 -1.42 6.39
N PHE A 81 14.40 -2.19 5.90
CA PHE A 81 14.63 -2.24 4.46
C PHE A 81 13.59 -3.11 3.76
N ASP A 82 13.39 -4.34 4.24
CA ASP A 82 12.42 -5.26 3.63
C ASP A 82 11.02 -4.96 4.18
N ASP A 83 10.52 -3.79 3.79
CA ASP A 83 9.22 -3.32 4.26
C ASP A 83 8.68 -2.26 3.30
N GLU A 84 8.52 -2.64 2.02
CA GLU A 84 8.14 -1.65 1.02
C GLU A 84 6.72 -1.12 1.22
N GLY A 85 5.86 -1.91 1.87
CA GLY A 85 4.48 -1.49 2.05
C GLY A 85 4.15 -0.97 3.44
N GLY A 86 5.15 -0.43 4.14
CA GLY A 86 4.95 0.06 5.49
C GLY A 86 4.45 1.51 5.55
N GLU A 87 3.93 1.88 6.71
CA GLU A 87 3.40 3.23 6.89
C GLU A 87 4.52 4.25 6.91
N LEU A 88 4.17 5.49 6.57
CA LEU A 88 5.10 6.60 6.59
C LEU A 88 4.33 7.86 6.96
N PRO A 89 5.00 8.82 7.60
CA PRO A 89 4.34 10.10 7.91
C PRO A 89 4.21 11.03 6.72
N PHE A 90 4.68 10.65 5.53
CA PHE A 90 4.54 11.48 4.34
C PHE A 90 4.10 10.62 3.17
N GLU A 91 3.48 11.28 2.20
CA GLU A 91 3.06 10.61 0.98
C GLU A 91 4.29 10.04 0.26
N ARG A 92 4.15 8.82 -0.26
CA ARG A 92 5.27 8.12 -0.86
C ARG A 92 4.83 7.49 -2.18
N MET A 93 5.77 6.84 -2.85
CA MET A 93 5.53 6.15 -4.11
C MET A 93 5.84 4.67 -3.93
N CYS A 94 5.16 3.84 -4.71
CA CYS A 94 5.38 2.39 -4.67
C CYS A 94 5.14 1.86 -6.08
N PHE A 95 6.20 1.87 -6.90
CA PHE A 95 6.15 1.47 -8.31
C PHE A 95 5.16 2.34 -9.09
N ASN A 96 5.38 3.65 -9.04
CA ASN A 96 4.52 4.63 -9.70
C ASN A 96 3.09 4.62 -9.17
N VAL A 97 2.87 4.01 -8.00
CA VAL A 97 1.58 4.04 -7.32
C VAL A 97 1.73 4.96 -6.11
N PRO A 98 1.06 6.11 -6.09
CA PRO A 98 1.11 6.95 -4.90
C PRO A 98 0.28 6.35 -3.77
N VAL A 99 0.85 6.38 -2.58
CA VAL A 99 0.15 5.95 -1.37
C VAL A 99 0.34 7.04 -0.31
N GLY A 100 -0.76 7.42 0.34
CA GLY A 100 -0.75 8.53 1.28
C GLY A 100 -0.05 8.25 2.59
N ARG A 101 -0.28 9.10 3.60
CA ARG A 101 0.38 8.98 4.89
C ARG A 101 -0.36 8.00 5.79
N GLN A 102 0.39 7.40 6.71
CA GLN A 102 -0.16 6.45 7.70
C GLN A 102 -0.93 5.33 7.02
N THR A 103 -0.34 4.77 5.97
CA THR A 103 -0.96 3.76 5.14
C THR A 103 0.00 2.60 4.95
N TYR A 104 -0.42 1.40 5.32
CA TYR A 104 0.40 0.21 5.20
C TYR A 104 -0.36 -0.88 4.45
N PHE A 105 0.39 -1.84 3.94
CA PHE A 105 -0.18 -3.02 3.32
C PHE A 105 0.90 -4.10 3.30
N GLY A 106 0.52 -5.30 2.84
CA GLY A 106 1.39 -6.45 2.86
C GLY A 106 2.03 -6.73 1.51
N ASP A 107 2.69 -7.89 1.43
CA ASP A 107 3.44 -8.24 0.23
C ASP A 107 2.53 -8.48 -0.97
N GLY A 108 1.30 -8.92 -0.75
CA GLY A 108 0.39 -9.10 -1.87
C GLY A 108 0.09 -7.80 -2.59
N VAL A 109 -0.13 -6.73 -1.83
CA VAL A 109 -0.56 -5.46 -2.42
C VAL A 109 0.59 -4.80 -3.20
N VAL A 110 1.75 -4.65 -2.55
CA VAL A 110 2.92 -4.13 -3.25
C VAL A 110 3.21 -4.99 -4.48
N GLY A 111 3.01 -6.29 -4.37
CA GLY A 111 3.07 -7.15 -5.54
C GLY A 111 2.11 -6.71 -6.62
N ALA A 112 0.86 -6.41 -6.24
CA ALA A 112 -0.10 -5.88 -7.20
C ALA A 112 0.34 -4.52 -7.73
N CYS A 113 0.98 -3.72 -6.88
CA CYS A 113 1.47 -2.41 -7.30
C CYS A 113 2.49 -2.56 -8.44
N GLU A 114 3.45 -3.46 -8.26
CA GLU A 114 4.46 -3.69 -9.31
C GLU A 114 3.80 -4.10 -10.62
N ASN A 115 2.78 -4.97 -10.55
CA ASN A 115 2.05 -5.34 -11.75
C ASN A 115 1.28 -4.17 -12.36
N GLY A 116 1.09 -3.09 -11.59
CA GLY A 116 0.30 -1.96 -12.05
C GLY A 116 -1.20 -2.14 -11.92
N TYR A 117 -1.66 -3.06 -11.07
CA TYR A 117 -3.09 -3.26 -10.88
C TYR A 117 -3.76 -2.13 -10.12
N ILE A 118 -3.00 -1.19 -9.57
CA ILE A 118 -3.54 -0.13 -8.72
C ILE A 118 -2.99 1.21 -9.19
N LYS A 119 -3.83 2.24 -9.13
CA LYS A 119 -3.44 3.59 -9.48
C LYS A 119 -3.05 4.44 -8.29
N SER A 120 -3.65 4.20 -7.12
CA SER A 120 -3.33 4.96 -5.91
C SER A 120 -3.93 4.28 -4.70
N ILE A 121 -3.26 4.44 -3.56
CA ILE A 121 -3.80 4.09 -2.24
C ILE A 121 -3.92 5.39 -1.45
N GLY A 122 -5.02 5.55 -0.75
CA GLY A 122 -5.32 6.80 -0.08
C GLY A 122 -4.55 7.02 1.21
N GLN A 123 -5.06 7.94 2.02
CA GLN A 123 -4.45 8.30 3.30
C GLN A 123 -5.09 7.53 4.45
N PHE A 124 -4.28 7.25 5.47
CA PHE A 124 -4.73 6.58 6.68
C PHE A 124 -5.49 5.30 6.34
N THR A 125 -4.96 4.54 5.41
CA THR A 125 -5.56 3.30 4.96
C THR A 125 -4.83 2.12 5.56
N SER A 126 -5.60 1.14 6.04
CA SER A 126 -5.06 0.02 6.82
C SER A 126 -5.39 -1.28 6.11
N ILE A 127 -4.38 -1.89 5.49
CA ILE A 127 -4.55 -3.12 4.72
C ILE A 127 -3.73 -4.22 5.36
N ASN A 128 -4.38 -5.35 5.65
CA ASN A 128 -3.74 -6.47 6.31
C ASN A 128 -2.66 -7.07 5.43
N GLY A 129 -1.61 -7.59 6.08
CA GLY A 129 -0.53 -8.21 5.32
C GLY A 129 -1.01 -9.36 4.46
N THR A 130 -1.99 -10.13 4.96
CA THR A 130 -2.40 -11.35 4.26
C THR A 130 -3.22 -11.07 3.02
N ALA A 131 -3.77 -9.87 2.87
CA ALA A 131 -4.64 -9.58 1.74
C ALA A 131 -3.90 -9.80 0.43
N GLU A 132 -4.65 -10.21 -0.59
CA GLU A 132 -4.10 -10.47 -1.91
C GLU A 132 -4.96 -9.79 -2.97
N ILE A 133 -4.31 -9.34 -4.05
CA ILE A 133 -4.97 -8.70 -5.17
C ILE A 133 -4.44 -9.35 -6.44
N HIS A 134 -5.27 -10.13 -7.12
CA HIS A 134 -4.87 -10.80 -8.34
C HIS A 134 -5.89 -10.50 -9.44
N ALA A 135 -5.39 -10.49 -10.68
CA ALA A 135 -6.28 -10.40 -11.82
C ALA A 135 -6.81 -11.78 -12.16
N ASN A 136 -7.64 -11.87 -13.18
CA ASN A 136 -8.17 -13.13 -13.66
C ASN A 136 -7.47 -13.52 -14.96
N HIS A 137 -7.39 -14.83 -15.20
CA HIS A 137 -6.87 -15.31 -16.46
C HIS A 137 -7.93 -15.15 -17.54
N GLN A 138 -7.56 -15.44 -18.78
CA GLN A 138 -8.53 -15.37 -19.87
C GLN A 138 -9.50 -16.55 -19.80
N LEU A 139 -10.77 -16.24 -20.01
CA LEU A 139 -11.83 -17.25 -20.04
C LEU A 139 -12.33 -17.51 -21.45
N ASN A 140 -11.89 -16.73 -22.44
CA ASN A 140 -12.40 -16.78 -23.81
C ASN A 140 -11.72 -17.86 -24.65
N MET A 141 -10.75 -18.59 -24.11
CA MET A 141 -9.94 -19.51 -24.89
C MET A 141 -10.05 -20.92 -24.34
N THR A 142 -9.46 -21.87 -25.07
CA THR A 142 -9.45 -23.27 -24.64
C THR A 142 -8.57 -23.50 -23.42
N PHE A 143 -7.69 -22.57 -23.09
CA PHE A 143 -6.78 -22.71 -21.98
C PHE A 143 -6.94 -21.57 -20.99
N VAL A 144 -6.52 -21.81 -19.74
CA VAL A 144 -6.39 -20.74 -18.76
C VAL A 144 -4.95 -20.53 -18.33
N SER A 145 -4.04 -21.45 -18.64
CA SER A 145 -2.64 -21.28 -18.27
C SER A 145 -2.11 -19.98 -18.85
N ASP A 146 -1.40 -19.21 -18.02
CA ASP A 146 -0.75 -18.01 -18.53
C ASP A 146 0.64 -18.31 -19.06
N ASP A 147 1.41 -19.13 -18.34
CA ASP A 147 2.80 -19.39 -18.71
C ASP A 147 2.96 -20.24 -19.96
N ILE A 148 1.87 -20.74 -20.56
CA ILE A 148 1.98 -21.30 -21.90
C ILE A 148 2.51 -20.24 -22.86
N GLN A 149 2.30 -18.96 -22.53
CA GLN A 149 2.81 -17.84 -23.32
C GLN A 149 4.33 -17.91 -23.48
N ASN A 150 5.02 -18.58 -22.56
CA ASN A 150 6.47 -18.73 -22.69
C ASN A 150 6.85 -19.56 -23.91
N PHE A 151 5.95 -20.39 -24.42
CA PHE A 151 6.23 -21.25 -25.56
C PHE A 151 5.89 -20.61 -26.90
N PHE A 152 5.35 -19.39 -26.89
CA PHE A 152 4.88 -18.74 -28.11
C PHE A 152 6.03 -18.00 -28.78
N ASN A 153 6.08 -18.09 -30.11
CA ASN A 153 7.00 -17.26 -30.86
C ASN A 153 6.39 -15.87 -31.06
N GLU A 154 7.12 -15.02 -31.78
CA GLU A 154 6.60 -13.72 -32.21
C GLU A 154 5.19 -13.81 -32.73
N GLU A 155 4.96 -14.69 -33.70
CA GLU A 155 3.68 -14.76 -34.39
C GLU A 155 2.55 -15.21 -33.47
N SER A 156 2.80 -16.25 -32.66
CA SER A 156 1.79 -16.69 -31.70
C SER A 156 1.54 -15.64 -30.63
N MET A 157 2.60 -14.93 -30.20
CA MET A 157 2.44 -13.89 -29.21
C MET A 157 1.50 -12.80 -29.71
N ALA A 158 1.67 -12.38 -30.96
CA ALA A 158 0.87 -11.28 -31.49
C ALA A 158 -0.62 -11.62 -31.49
N VAL A 159 -0.99 -12.76 -32.07
CA VAL A 159 -2.40 -13.13 -32.15
C VAL A 159 -2.98 -13.36 -30.76
N PHE A 160 -2.16 -13.86 -29.82
CA PHE A 160 -2.62 -14.04 -28.45
C PHE A 160 -2.78 -12.70 -27.73
N GLN A 161 -1.86 -11.77 -27.97
CA GLN A 161 -1.83 -10.53 -27.20
C GLN A 161 -2.88 -9.52 -27.65
N GLU A 162 -3.36 -9.58 -28.89
CA GLU A 162 -4.41 -8.66 -29.28
C GLU A 162 -5.81 -9.24 -29.08
N LYS A 163 -5.95 -10.54 -28.81
CA LYS A 163 -7.24 -11.02 -28.37
C LYS A 163 -7.52 -10.65 -26.92
N LEU A 164 -6.46 -10.54 -26.10
CA LEU A 164 -6.64 -10.09 -24.73
C LEU A 164 -7.05 -8.62 -24.68
N ARG A 165 -6.42 -7.79 -25.53
CA ARG A 165 -6.74 -6.36 -25.53
C ARG A 165 -8.19 -6.10 -25.88
N LYS A 166 -8.82 -7.01 -26.62
CA LYS A 166 -10.22 -6.86 -27.03
C LYS A 166 -11.04 -7.79 -26.15
N ASP A 167 -11.26 -7.35 -24.91
CA ASP A 167 -11.96 -8.19 -23.96
C ASP A 167 -12.84 -7.35 -23.04
N PRO A 168 -14.08 -7.78 -22.82
CA PRO A 168 -14.93 -7.07 -21.86
C PRO A 168 -14.55 -7.33 -20.42
N LYS A 169 -14.24 -8.59 -20.08
CA LYS A 169 -13.96 -8.98 -18.70
C LYS A 169 -12.55 -8.62 -18.25
N HIS A 170 -11.77 -7.93 -19.09
CA HIS A 170 -10.49 -7.35 -18.71
C HIS A 170 -9.54 -8.33 -18.02
N PRO A 171 -9.14 -9.40 -18.71
CA PRO A 171 -8.19 -10.34 -18.09
C PRO A 171 -6.83 -9.68 -17.93
N TYR A 172 -6.11 -10.12 -16.89
CA TYR A 172 -4.76 -9.61 -16.59
C TYR A 172 -4.78 -8.11 -16.31
N ALA A 173 -5.94 -7.57 -15.95
CA ALA A 173 -6.16 -6.15 -15.72
C ALA A 173 -5.90 -5.30 -16.96
N TYR A 174 -5.86 -5.92 -18.14
CA TYR A 174 -5.73 -5.18 -19.37
C TYR A 174 -6.96 -4.28 -19.58
N SER A 175 -6.83 -3.36 -20.53
CA SER A 175 -7.94 -2.61 -21.12
C SER A 175 -8.80 -1.87 -20.08
N LYS A 176 -8.31 -1.71 -18.85
CA LYS A 176 -9.09 -1.09 -17.80
C LYS A 176 -8.24 -0.08 -17.03
N GLU A 177 -8.92 0.78 -16.30
CA GLU A 177 -8.24 1.70 -15.40
C GLU A 177 -7.62 0.92 -14.24
N PRO A 178 -6.42 1.27 -13.80
CA PRO A 178 -5.88 0.67 -12.57
C PRO A 178 -6.81 0.93 -11.39
N MET A 179 -6.79 0.00 -10.45
CA MET A 179 -7.63 0.10 -9.27
C MET A 179 -7.26 1.34 -8.45
N THR A 180 -8.25 1.90 -7.76
CA THR A 180 -8.07 3.05 -6.90
C THR A 180 -8.63 2.71 -5.53
N ILE A 181 -7.80 2.85 -4.50
CA ILE A 181 -8.18 2.57 -3.13
C ILE A 181 -8.22 3.88 -2.36
N GLY A 182 -9.37 4.19 -1.78
CA GLY A 182 -9.58 5.46 -1.12
C GLY A 182 -8.87 5.54 0.22
N SER A 183 -9.13 6.64 0.91
CA SER A 183 -8.55 6.90 2.22
C SER A 183 -9.44 6.32 3.31
N ASP A 184 -8.82 6.02 4.45
CA ASP A 184 -9.51 5.48 5.62
C ASP A 184 -10.20 4.16 5.30
N VAL A 185 -9.59 3.36 4.46
CA VAL A 185 -10.12 2.03 4.15
C VAL A 185 -9.49 1.03 5.11
N TYR A 186 -10.28 0.04 5.52
CA TYR A 186 -9.81 -1.10 6.29
C TYR A 186 -10.05 -2.35 5.46
N ILE A 187 -8.99 -3.13 5.24
CA ILE A 187 -9.09 -4.41 4.58
C ILE A 187 -8.55 -5.46 5.54
N GLY A 188 -9.34 -6.52 5.76
CA GLY A 188 -9.02 -7.50 6.78
C GLY A 188 -8.21 -8.66 6.24
N ALA A 189 -7.88 -9.58 7.15
CA ALA A 189 -7.03 -10.70 6.83
C ALA A 189 -7.70 -11.65 5.85
N HIS A 190 -6.87 -12.40 5.13
CA HIS A 190 -7.30 -13.40 4.14
C HIS A 190 -8.23 -12.83 3.08
N ALA A 191 -8.25 -11.51 2.89
CA ALA A 191 -9.18 -10.89 1.95
C ALA A 191 -8.66 -10.96 0.52
N PHE A 192 -9.54 -10.69 -0.43
CA PHE A 192 -9.22 -10.72 -1.86
C PHE A 192 -10.03 -9.65 -2.56
N ILE A 193 -9.33 -8.79 -3.31
CA ILE A 193 -9.95 -7.85 -4.23
C ILE A 193 -9.54 -8.22 -5.65
N ASN A 194 -10.52 -8.39 -6.53
CA ASN A 194 -10.28 -8.89 -7.89
C ASN A 194 -9.89 -7.73 -8.81
N ALA A 195 -8.61 -7.70 -9.22
CA ALA A 195 -8.11 -6.58 -10.01
C ALA A 195 -8.68 -6.54 -11.42
N SER A 196 -9.17 -7.67 -11.94
CA SER A 196 -9.74 -7.69 -13.28
C SER A 196 -11.11 -7.04 -13.34
N THR A 197 -11.82 -6.91 -12.22
CA THR A 197 -13.19 -6.40 -12.22
C THR A 197 -13.42 -5.19 -11.33
N VAL A 198 -12.49 -4.85 -10.43
CA VAL A 198 -12.61 -3.67 -9.58
C VAL A 198 -11.77 -2.56 -10.17
N THR A 199 -12.34 -1.35 -10.24
CA THR A 199 -11.64 -0.15 -10.66
C THR A 199 -11.44 0.83 -9.52
N SER A 200 -12.27 0.77 -8.47
CA SER A 200 -12.16 1.70 -7.37
C SER A 200 -12.80 1.10 -6.12
N ILE A 201 -12.12 1.28 -4.98
CA ILE A 201 -12.68 0.99 -3.66
C ILE A 201 -12.92 2.34 -2.99
N GLY A 202 -14.17 2.58 -2.59
CA GLY A 202 -14.53 3.89 -2.09
C GLY A 202 -13.82 4.23 -0.79
N ASP A 203 -13.63 5.53 -0.58
CA ASP A 203 -12.99 5.98 0.65
C ASP A 203 -13.78 5.49 1.86
N GLY A 204 -13.05 5.10 2.90
CA GLY A 204 -13.69 4.68 4.12
C GLY A 204 -14.41 3.35 4.05
N ALA A 205 -14.26 2.62 2.95
CA ALA A 205 -14.89 1.31 2.85
C ALA A 205 -14.18 0.31 3.74
N ILE A 206 -14.95 -0.58 4.36
CA ILE A 206 -14.41 -1.62 5.23
C ILE A 206 -14.64 -2.96 4.54
N ILE A 207 -13.55 -3.69 4.31
CA ILE A 207 -13.64 -5.07 3.82
C ILE A 207 -13.46 -5.99 5.02
N GLY A 208 -14.52 -6.72 5.36
CA GLY A 208 -14.39 -7.75 6.36
C GLY A 208 -13.36 -8.79 5.96
N SER A 209 -12.71 -9.37 6.97
CA SER A 209 -11.65 -10.34 6.72
C SER A 209 -12.21 -11.61 6.07
N GLY A 210 -11.40 -12.22 5.22
CA GLY A 210 -11.83 -13.36 4.46
C GLY A 210 -12.78 -13.05 3.31
N ALA A 211 -13.38 -11.87 3.32
CA ALA A 211 -14.27 -11.47 2.24
C ALA A 211 -13.53 -11.45 0.91
N VAL A 212 -14.26 -11.70 -0.17
CA VAL A 212 -13.70 -11.77 -1.51
C VAL A 212 -14.43 -10.73 -2.35
N VAL A 213 -13.83 -9.55 -2.47
CA VAL A 213 -14.40 -8.48 -3.26
C VAL A 213 -14.25 -8.81 -4.74
N LEU A 214 -15.36 -8.88 -5.46
CA LEU A 214 -15.35 -9.15 -6.89
C LEU A 214 -15.83 -7.97 -7.73
N GLU A 215 -16.28 -6.88 -7.10
CA GLU A 215 -16.71 -5.70 -7.83
C GLU A 215 -16.59 -4.51 -6.90
N ASN A 216 -16.56 -3.31 -7.50
CA ASN A 216 -16.31 -2.07 -6.78
C ASN A 216 -17.13 -1.99 -5.51
N VAL A 217 -16.51 -1.50 -4.44
CA VAL A 217 -17.17 -1.31 -3.16
C VAL A 217 -17.48 0.18 -3.03
N PRO A 218 -18.75 0.58 -2.96
CA PRO A 218 -19.06 1.99 -2.81
C PRO A 218 -18.52 2.52 -1.51
N PRO A 219 -18.28 3.83 -1.41
CA PRO A 219 -17.71 4.40 -0.19
C PRO A 219 -18.47 3.99 1.06
N PHE A 220 -17.72 3.56 2.08
CA PHE A 220 -18.20 3.28 3.42
C PHE A 220 -19.06 2.04 3.51
N ALA A 221 -19.08 1.21 2.47
CA ALA A 221 -19.82 -0.06 2.50
C ALA A 221 -19.02 -1.08 3.29
N VAL A 222 -19.54 -1.50 4.44
CA VAL A 222 -18.94 -2.59 5.20
C VAL A 222 -19.39 -3.90 4.56
N VAL A 223 -18.43 -4.71 4.14
CA VAL A 223 -18.69 -5.88 3.31
C VAL A 223 -18.00 -7.10 3.91
N VAL A 224 -18.72 -8.21 4.00
CA VAL A 224 -18.19 -9.48 4.47
C VAL A 224 -18.67 -10.59 3.52
N GLY A 225 -18.33 -11.83 3.87
CA GLY A 225 -18.81 -12.99 3.16
C GLY A 225 -18.11 -13.20 1.82
N VAL A 226 -18.30 -14.40 1.27
CA VAL A 226 -17.66 -14.80 0.02
C VAL A 226 -18.70 -15.19 -1.03
N PRO A 227 -18.86 -14.42 -2.11
CA PRO A 227 -18.23 -13.10 -2.35
C PRO A 227 -18.81 -11.99 -1.47
N ALA A 228 -18.45 -10.77 -1.83
CA ALA A 228 -18.57 -9.62 -0.94
C ALA A 228 -19.89 -8.88 -1.22
N ARG A 229 -20.78 -8.89 -0.23
CA ARG A 229 -22.01 -8.10 -0.26
C ARG A 229 -22.12 -7.27 1.02
N ILE A 230 -22.71 -6.08 0.89
CA ILE A 230 -22.81 -5.16 2.02
C ILE A 230 -23.76 -5.73 3.06
N LYS A 231 -23.32 -5.72 4.33
CA LYS A 231 -24.17 -6.05 5.47
C LYS A 231 -24.54 -4.83 6.30
N ARG A 232 -23.85 -3.72 6.12
CA ARG A 232 -24.01 -2.49 6.90
C ARG A 232 -23.20 -1.41 6.20
N TYR A 233 -23.68 -0.17 6.26
CA TYR A 233 -22.90 0.99 5.84
C TYR A 233 -22.27 1.64 7.07
N ARG A 234 -21.26 2.44 6.82
CA ARG A 234 -20.54 3.07 7.88
C ARG A 234 -21.42 4.08 8.57
N PHE A 235 -21.74 5.15 7.85
CA PHE A 235 -22.52 6.27 8.39
C PHE A 235 -23.72 6.55 7.50
N SER A 236 -24.54 7.52 7.94
CA SER A 236 -25.70 7.94 7.16
C SER A 236 -25.25 8.54 5.83
N LYS A 237 -26.13 8.42 4.81
CA LYS A 237 -25.77 8.87 3.47
C LYS A 237 -25.50 10.37 3.40
N GLU A 238 -26.08 11.16 4.30
CA GLU A 238 -25.72 12.57 4.36
C GLU A 238 -24.32 12.75 4.94
N MET A 239 -23.97 11.97 5.95
CA MET A 239 -22.61 12.01 6.47
C MET A 239 -21.60 11.54 5.44
N ILE A 240 -22.00 10.60 4.57
CA ILE A 240 -21.09 10.13 3.53
C ILE A 240 -20.70 11.29 2.61
N GLU A 241 -21.71 12.02 2.10
CA GLU A 241 -21.44 13.08 1.13
C GLU A 241 -20.72 14.27 1.75
N THR A 242 -20.77 14.42 3.07
CA THR A 242 -20.00 15.49 3.71
C THR A 242 -18.52 15.13 3.76
N LEU A 243 -18.20 13.88 4.11
CA LEU A 243 -16.81 13.48 4.22
C LEU A 243 -16.09 13.57 2.88
N LEU A 244 -16.82 13.46 1.77
CA LEU A 244 -16.20 13.47 0.45
C LEU A 244 -15.85 14.87 -0.03
N ARG A 245 -16.42 15.89 0.58
CA ARG A 245 -16.01 17.27 0.31
C ARG A 245 -15.04 17.81 1.35
N VAL A 246 -15.27 17.54 2.63
CA VAL A 246 -14.40 18.09 3.67
C VAL A 246 -13.01 17.45 3.58
N LYS A 247 -12.94 16.17 3.24
CA LYS A 247 -11.67 15.46 3.00
C LYS A 247 -10.72 15.63 4.18
N TRP A 248 -11.14 15.12 5.33
CA TRP A 248 -10.31 15.28 6.53
C TRP A 248 -9.00 14.51 6.43
N TRP A 249 -8.90 13.52 5.55
CA TRP A 249 -7.67 12.74 5.41
C TRP A 249 -6.59 13.50 4.67
N ASP A 250 -6.95 14.53 3.90
CA ASP A 250 -5.98 15.44 3.30
C ASP A 250 -5.53 16.52 4.26
N TRP A 251 -6.01 16.50 5.50
CA TRP A 251 -5.70 17.55 6.45
C TRP A 251 -4.21 17.56 6.80
N SER A 252 -3.78 18.67 7.39
CA SER A 252 -2.46 18.76 7.99
C SER A 252 -2.49 18.06 9.36
N ILE A 253 -1.32 18.00 10.00
CA ILE A 253 -1.28 17.46 11.35
C ILE A 253 -1.91 18.43 12.34
N GLU A 254 -1.61 19.72 12.19
CA GLU A 254 -2.22 20.73 13.06
C GLU A 254 -3.75 20.70 12.93
N GLU A 255 -4.25 20.44 11.73
CA GLU A 255 -5.70 20.37 11.55
C GLU A 255 -6.28 19.10 12.17
N ILE A 256 -5.47 18.05 12.31
CA ILE A 256 -5.94 16.86 13.00
C ILE A 256 -6.01 17.11 14.49
N ASN A 257 -4.98 17.75 15.06
CA ASN A 257 -4.95 18.00 16.49
C ASN A 257 -5.77 19.21 16.93
N GLU A 258 -6.18 20.07 16.00
CA GLU A 258 -7.11 21.12 16.36
C GLU A 258 -8.55 20.70 16.25
N ASN A 259 -8.85 19.71 15.40
CA ASN A 259 -10.20 19.17 15.25
C ASN A 259 -10.24 17.71 15.66
N VAL A 260 -9.55 17.37 16.75
CA VAL A 260 -9.52 16.02 17.31
C VAL A 260 -10.94 15.51 17.49
N ASP A 261 -11.68 16.13 18.42
CA ASP A 261 -12.96 15.59 18.85
C ASP A 261 -14.03 15.66 17.78
N ALA A 262 -13.78 16.38 16.67
CA ALA A 262 -14.63 16.21 15.50
C ALA A 262 -14.41 14.84 14.88
N LEU A 263 -13.17 14.36 14.89
CA LEU A 263 -12.89 13.04 14.35
C LEU A 263 -13.34 11.94 15.31
N ILE A 264 -13.13 12.13 16.61
CA ILE A 264 -13.48 11.09 17.58
C ILE A 264 -14.99 10.89 17.62
N SER A 265 -15.75 11.99 17.66
CA SER A 265 -17.21 11.88 17.70
C SER A 265 -17.77 12.05 16.29
N PRO A 266 -18.44 11.03 15.75
CA PRO A 266 -18.95 11.15 14.38
C PRO A 266 -19.92 12.32 14.17
N GLU A 267 -20.88 12.51 15.07
CA GLU A 267 -21.89 13.55 14.88
C GLU A 267 -21.46 14.90 15.44
N LEU A 268 -20.46 14.94 16.33
CA LEU A 268 -19.86 16.23 16.66
C LEU A 268 -19.18 16.83 15.44
N PHE A 269 -18.61 15.98 14.59
CA PHE A 269 -18.07 16.42 13.30
C PHE A 269 -19.16 17.08 12.46
N MET A 270 -20.37 16.53 12.49
CA MET A 270 -21.43 16.97 11.59
C MET A 270 -21.81 18.42 11.83
N LYS A 271 -21.75 18.88 13.09
CA LYS A 271 -22.12 20.25 13.39
C LYS A 271 -21.15 21.23 12.73
N LYS A 272 -19.87 20.89 12.67
CA LYS A 272 -18.87 21.81 12.16
C LYS A 272 -18.87 21.88 10.64
N TYR A 273 -19.05 20.74 9.95
CA TYR A 273 -18.85 20.67 8.52
C TYR A 273 -20.09 20.22 7.76
N GLY A 274 -21.26 20.28 8.38
CA GLY A 274 -22.49 19.86 7.73
C GLY A 274 -22.88 20.74 6.55
#